data_6H7S
#
_entry.id   6H7S
#
_cell.length_a   105.061
_cell.length_b   105.061
_cell.length_c   246.416
_cell.angle_alpha   90.00
_cell.angle_beta   90.00
_cell.angle_gamma   120.00
#
_symmetry.space_group_name_H-M   'P 65 2 2'
#
loop_
_entity.id
_entity.type
_entity.pdbx_description
1 polymer '2-dehydro-3-deoxy-phosphogluconate/2-dehydro-3-deoxy-6-phosphogalactonate aldolase'
2 non-polymer L-2-keto-3deoxy-gluconate
3 water water
#
_entity_poly.entity_id   1
_entity_poly.type   'polypeptide(L)'
_entity_poly.pdbx_seq_one_letter_code
;PEIITPIITPFTKDNRIDKEKLKIHAENLIRKGIDKLFVNGTTGLGPSLSPEEKLENLKAVYDVTNKIIFQVGGLNLDDA
IRLAKLSKDFDIVGIASYAPYYYPRMSEKHLVKYFKTLCEVSPHPVYLYNYPTATGKDIDAKVAKEIGCFTGVKDVIENI
IHTLDYKRLNPNMLVYSGSDMLIATVASTGLDGNVALGSNYLPEVTVTIKKLAMERKIDEALKLQFLHDEVIEASRIFGS
LSSNYVLTKYFQGYDLGYPRPPIFPLDDEEERQLIKKVEGIRAKLVELKILKE
;
_entity_poly.pdbx_strand_id   A,B
#
loop_
_chem_comp.id
_chem_comp.type
_chem_comp.name
_chem_comp.formula
FW2 non-polymer L-2-keto-3deoxy-gluconate 'C6 H10 O6'
#
# COMPACT_ATOMS: atom_id res chain seq x y z
N PRO A 1 -13.80 0.16 12.67
CA PRO A 1 -13.20 -0.94 11.92
C PRO A 1 -13.25 -2.27 12.67
N GLU A 2 -13.05 -3.38 11.96
CA GLU A 2 -13.22 -4.72 12.50
C GLU A 2 -11.99 -5.58 12.22
N ILE A 3 -11.77 -6.56 13.10
CA ILE A 3 -10.77 -7.61 12.89
C ILE A 3 -11.51 -8.91 12.64
N ILE A 4 -11.18 -9.59 11.55
CA ILE A 4 -11.88 -10.80 11.12
C ILE A 4 -10.85 -11.91 10.92
N THR A 5 -11.10 -13.06 11.51
CA THR A 5 -10.16 -14.17 11.44
C THR A 5 -10.54 -15.09 10.28
N PRO A 6 -9.66 -15.27 9.29
CA PRO A 6 -9.86 -16.36 8.33
C PRO A 6 -9.47 -17.65 9.02
N ILE A 7 -10.48 -18.33 9.57
CA ILE A 7 -10.22 -19.29 10.64
C ILE A 7 -9.61 -20.56 10.06
N ILE A 8 -8.57 -21.07 10.74
CA ILE A 8 -7.91 -22.29 10.33
C ILE A 8 -8.90 -23.45 10.33
N THR A 9 -8.64 -24.44 9.46
CA THR A 9 -9.38 -25.70 9.49
C THR A 9 -8.50 -26.74 10.17
N PRO A 10 -8.87 -27.26 11.34
CA PRO A 10 -8.12 -28.37 11.91
C PRO A 10 -8.50 -29.68 11.24
N PHE A 11 -7.48 -30.49 10.94
CA PHE A 11 -7.67 -31.80 10.33
C PHE A 11 -7.19 -32.89 11.27
N THR A 12 -7.86 -34.03 11.21
CA THR A 12 -7.44 -35.22 11.95
C THR A 12 -6.23 -35.85 11.25
N LYS A 13 -5.52 -36.70 11.99
CA LYS A 13 -4.45 -37.49 11.39
C LYS A 13 -4.96 -38.32 10.21
N ASP A 14 -6.29 -38.48 10.08
CA ASP A 14 -6.90 -39.19 8.97
C ASP A 14 -7.41 -38.26 7.88
N ASN A 15 -6.90 -37.02 7.84
CA ASN A 15 -7.30 -36.04 6.84
C ASN A 15 -8.80 -35.76 6.92
N ARG A 16 -9.28 -35.52 8.13
CA ARG A 16 -10.69 -35.29 8.40
C ARG A 16 -10.84 -34.05 9.28
N ILE A 17 -11.79 -33.18 8.91
CA ILE A 17 -12.03 -31.97 9.68
C ILE A 17 -12.34 -32.34 11.12
N ASP A 18 -11.59 -31.74 12.06
CA ASP A 18 -11.77 -31.95 13.49
C ASP A 18 -12.79 -30.94 14.00
N LYS A 19 -14.07 -31.33 13.95
CA LYS A 19 -15.13 -30.40 14.29
C LYS A 19 -15.03 -29.90 15.72
N GLU A 20 -14.51 -30.72 16.63
CA GLU A 20 -14.45 -30.32 18.04
C GLU A 20 -13.31 -29.34 18.30
N LYS A 21 -12.14 -29.58 17.70
CA LYS A 21 -11.04 -28.64 17.85
C LYS A 21 -11.35 -27.30 17.19
N LEU A 22 -12.07 -27.32 16.06
CA LEU A 22 -12.48 -26.08 15.42
C LEU A 22 -13.44 -25.29 16.30
N LYS A 23 -14.40 -25.97 16.93
CA LYS A 23 -15.31 -25.30 17.84
C LYS A 23 -14.56 -24.60 18.97
N ILE A 24 -13.57 -25.30 19.55
CA ILE A 24 -12.73 -24.68 20.57
C ILE A 24 -12.09 -23.40 20.05
N HIS A 25 -11.53 -23.47 18.84
CA HIS A 25 -10.83 -22.32 18.28
C HIS A 25 -11.79 -21.16 18.03
N ALA A 26 -12.99 -21.44 17.53
CA ALA A 26 -13.96 -20.39 17.31
C ALA A 26 -14.32 -19.71 18.63
N GLU A 27 -14.71 -20.49 19.64
CA GLU A 27 -15.03 -19.92 20.95
C GLU A 27 -13.95 -18.96 21.41
N ASN A 28 -12.70 -19.42 21.42
CA ASN A 28 -11.61 -18.62 21.96
C ASN A 28 -11.46 -17.31 21.19
N LEU A 29 -11.48 -17.38 19.86
CA LEU A 29 -11.34 -16.18 19.06
C LEU A 29 -12.42 -15.16 19.38
N ILE A 30 -13.67 -15.62 19.52
CA ILE A 30 -14.77 -14.72 19.83
C ILE A 30 -14.60 -14.14 21.23
N ARG A 31 -14.23 -14.97 22.20
CA ARG A 31 -14.04 -14.47 23.56
C ARG A 31 -12.98 -13.38 23.62
N LYS A 32 -12.03 -13.38 22.68
CA LYS A 32 -10.92 -12.43 22.70
C LYS A 32 -11.13 -11.24 21.77
N GLY A 33 -12.35 -11.03 21.28
CA GLY A 33 -12.70 -9.81 20.59
C GLY A 33 -12.70 -9.86 19.08
N ILE A 34 -12.71 -11.04 18.47
CA ILE A 34 -12.81 -11.12 17.02
C ILE A 34 -14.24 -10.80 16.62
N ASP A 35 -14.39 -9.88 15.67
CA ASP A 35 -15.72 -9.44 15.26
C ASP A 35 -16.46 -10.54 14.51
N LYS A 36 -15.86 -11.06 13.45
CA LYS A 36 -16.51 -12.06 12.61
C LYS A 36 -15.49 -13.15 12.27
N LEU A 37 -15.97 -14.19 11.60
CA LEU A 37 -15.14 -15.32 11.19
C LEU A 37 -15.31 -15.57 9.71
N PHE A 38 -14.19 -15.63 8.98
CA PHE A 38 -14.19 -15.91 7.55
C PHE A 38 -13.88 -17.39 7.35
N VAL A 39 -14.89 -18.15 6.93
CA VAL A 39 -14.83 -19.61 6.89
C VAL A 39 -14.54 -20.05 5.47
N ASN A 40 -13.57 -20.96 5.32
CA ASN A 40 -13.19 -21.56 4.04
C ASN A 40 -12.39 -20.58 3.18
N GLY A 41 -11.56 -19.76 3.81
CA GLY A 41 -10.63 -18.91 3.10
C GLY A 41 -9.34 -19.64 2.78
N THR A 42 -8.39 -18.89 2.22
CA THR A 42 -7.06 -19.45 1.96
C THR A 42 -6.45 -19.99 3.25
N THR A 43 -6.48 -19.18 4.32
CA THR A 43 -5.90 -19.61 5.59
C THR A 43 -6.55 -20.90 6.08
N GLY A 44 -7.83 -21.08 5.82
CA GLY A 44 -8.55 -22.28 6.19
C GLY A 44 -8.51 -23.40 5.16
N LEU A 45 -7.75 -23.22 4.08
CA LEU A 45 -7.56 -24.25 3.06
C LEU A 45 -8.87 -24.56 2.32
N GLY A 46 -9.65 -23.53 2.04
CA GLY A 46 -10.88 -23.67 1.31
C GLY A 46 -10.72 -24.44 0.01
N PRO A 47 -9.79 -24.01 -0.84
CA PRO A 47 -9.60 -24.70 -2.13
C PRO A 47 -9.21 -26.16 -2.01
N SER A 48 -8.80 -26.61 -0.82
CA SER A 48 -8.53 -28.02 -0.57
C SER A 48 -9.74 -28.77 -0.05
N LEU A 49 -10.84 -28.08 0.21
CA LEU A 49 -12.04 -28.68 0.80
C LEU A 49 -13.08 -28.97 -0.27
N SER A 50 -13.86 -30.02 -0.04
CA SER A 50 -14.98 -30.36 -0.91
C SER A 50 -16.18 -29.52 -0.54
N PRO A 51 -17.22 -29.51 -1.38
CA PRO A 51 -18.46 -28.81 -0.98
C PRO A 51 -19.02 -29.37 0.31
N GLU A 52 -19.09 -30.71 0.43
CA GLU A 52 -19.51 -31.33 1.68
C GLU A 52 -18.69 -30.81 2.84
N GLU A 53 -17.38 -30.60 2.63
CA GLU A 53 -16.51 -30.20 3.72
C GLU A 53 -16.57 -28.71 3.98
N LYS A 54 -16.67 -27.90 2.91
CA LYS A 54 -16.96 -26.48 3.11
C LYS A 54 -18.22 -26.29 3.94
N LEU A 55 -19.23 -27.12 3.68
CA LEU A 55 -20.46 -27.06 4.46
C LEU A 55 -20.22 -27.52 5.90
N GLU A 56 -19.44 -28.58 6.08
CA GLU A 56 -19.09 -29.04 7.43
C GLU A 56 -18.47 -27.91 8.25
N ASN A 57 -17.60 -27.11 7.62
CA ASN A 57 -16.99 -25.99 8.33
C ASN A 57 -18.03 -24.99 8.78
N LEU A 58 -19.03 -24.72 7.95
CA LEU A 58 -20.08 -23.78 8.33
C LEU A 58 -20.85 -24.30 9.54
N LYS A 59 -21.43 -25.50 9.43
CA LYS A 59 -22.25 -26.03 10.51
C LYS A 59 -21.46 -26.12 11.81
N ALA A 60 -20.16 -26.43 11.73
CA ALA A 60 -19.37 -26.60 12.94
C ALA A 60 -19.12 -25.27 13.64
N VAL A 61 -18.76 -24.23 12.87
CA VAL A 61 -18.51 -22.93 13.48
C VAL A 61 -19.82 -22.24 13.85
N TYR A 62 -20.89 -22.48 13.09
CA TYR A 62 -22.19 -21.92 13.42
C TYR A 62 -22.72 -22.44 14.75
N ASP A 63 -22.13 -23.53 15.26
CA ASP A 63 -22.51 -24.04 16.57
C ASP A 63 -22.07 -23.13 17.70
N VAL A 64 -21.15 -22.20 17.44
CA VAL A 64 -20.55 -21.36 18.47
C VAL A 64 -20.83 -19.88 18.24
N THR A 65 -20.69 -19.41 17.01
CA THR A 65 -21.03 -18.04 16.66
C THR A 65 -21.74 -18.04 15.32
N ASN A 66 -22.56 -17.01 15.11
CA ASN A 66 -23.18 -16.79 13.81
C ASN A 66 -22.58 -15.58 13.09
N LYS A 67 -21.54 -14.96 13.67
CA LYS A 67 -20.77 -13.92 12.99
C LYS A 67 -19.84 -14.61 12.01
N ILE A 68 -20.41 -15.07 10.89
CA ILE A 68 -19.70 -15.89 9.92
C ILE A 68 -19.86 -15.30 8.54
N ILE A 69 -18.76 -15.31 7.78
CA ILE A 69 -18.77 -15.08 6.34
C ILE A 69 -18.44 -16.41 5.68
N PHE A 70 -19.39 -16.94 4.92
CA PHE A 70 -19.35 -18.31 4.42
C PHE A 70 -18.79 -18.31 3.01
N GLN A 71 -17.53 -18.73 2.86
CA GLN A 71 -16.90 -18.79 1.55
C GLN A 71 -17.34 -20.06 0.83
N VAL A 72 -17.70 -19.93 -0.45
CA VAL A 72 -18.38 -21.00 -1.18
C VAL A 72 -17.88 -21.14 -2.61
N GLY A 73 -16.63 -20.77 -2.85
CA GLY A 73 -16.11 -20.71 -4.21
C GLY A 73 -15.46 -22.00 -4.68
N GLY A 74 -15.45 -22.17 -5.99
CA GLY A 74 -14.87 -23.36 -6.59
C GLY A 74 -14.89 -23.26 -8.11
N LEU A 75 -14.40 -24.34 -8.73
CA LEU A 75 -14.36 -24.43 -10.18
C LEU A 75 -15.57 -25.17 -10.76
N ASN A 76 -16.49 -25.63 -9.91
CA ASN A 76 -17.78 -26.14 -10.33
C ASN A 76 -18.83 -25.15 -9.84
N LEU A 77 -19.54 -24.52 -10.78
CA LEU A 77 -20.50 -23.49 -10.43
C LEU A 77 -21.65 -24.06 -9.62
N ASP A 78 -22.21 -25.19 -10.06
CA ASP A 78 -23.35 -25.79 -9.36
C ASP A 78 -23.04 -26.01 -7.89
N ASP A 79 -21.79 -26.40 -7.56
CA ASP A 79 -21.42 -26.62 -6.17
C ASP A 79 -21.50 -25.33 -5.37
N ALA A 80 -20.92 -24.24 -5.89
CA ALA A 80 -21.01 -22.96 -5.20
C ALA A 80 -22.46 -22.52 -5.05
N ILE A 81 -23.27 -22.72 -6.08
CA ILE A 81 -24.68 -22.33 -6.02
C ILE A 81 -25.39 -23.09 -4.90
N ARG A 82 -25.16 -24.40 -4.80
CA ARG A 82 -25.81 -25.19 -3.76
C ARG A 82 -25.39 -24.74 -2.37
N LEU A 83 -24.09 -24.52 -2.16
CA LEU A 83 -23.62 -24.02 -0.87
C LEU A 83 -24.27 -22.68 -0.54
N ALA A 84 -24.19 -21.72 -1.46
CA ALA A 84 -24.84 -20.43 -1.26
C ALA A 84 -26.28 -20.60 -0.80
N LYS A 85 -27.04 -21.45 -1.50
CA LYS A 85 -28.46 -21.62 -1.19
C LYS A 85 -28.66 -22.17 0.22
N LEU A 86 -27.92 -23.23 0.57
CA LEU A 86 -28.13 -23.91 1.84
C LEU A 86 -27.87 -23.00 3.04
N SER A 87 -27.17 -21.88 2.85
CA SER A 87 -26.93 -20.94 3.93
C SER A 87 -28.20 -20.21 4.36
N LYS A 88 -29.32 -20.42 3.68
CA LYS A 88 -30.52 -19.65 3.96
C LYS A 88 -31.03 -19.88 5.37
N ASP A 89 -30.82 -21.07 5.91
CA ASP A 89 -31.31 -21.43 7.24
C ASP A 89 -30.38 -20.98 8.36
N PHE A 90 -29.40 -20.13 8.05
CA PHE A 90 -28.42 -19.67 9.02
C PHE A 90 -28.46 -18.15 9.10
N ASP A 91 -28.32 -17.62 10.32
CA ASP A 91 -28.32 -16.17 10.55
C ASP A 91 -26.87 -15.69 10.57
N ILE A 92 -26.28 -15.58 9.37
CA ILE A 92 -24.87 -15.27 9.23
C ILE A 92 -24.71 -13.93 8.51
N VAL A 93 -23.45 -13.47 8.47
CA VAL A 93 -23.16 -12.14 7.92
C VAL A 93 -23.31 -12.14 6.40
N GLY A 94 -22.75 -13.14 5.74
CA GLY A 94 -22.82 -13.20 4.29
C GLY A 94 -22.09 -14.42 3.78
N ILE A 95 -22.14 -14.58 2.46
CA ILE A 95 -21.37 -15.60 1.76
C ILE A 95 -20.33 -14.90 0.89
N ALA A 96 -19.24 -15.60 0.61
CA ALA A 96 -18.14 -15.02 -0.16
C ALA A 96 -17.61 -16.05 -1.14
N SER A 97 -16.85 -15.57 -2.13
CA SER A 97 -16.23 -16.43 -3.10
C SER A 97 -15.08 -15.70 -3.77
N TYR A 98 -13.92 -16.37 -3.84
CA TYR A 98 -12.85 -15.91 -4.69
C TYR A 98 -13.23 -16.10 -6.16
N ALA A 99 -12.52 -15.39 -7.02
CA ALA A 99 -12.72 -15.58 -8.46
C ALA A 99 -12.22 -16.98 -8.84
N PRO A 100 -12.84 -17.61 -9.84
CA PRO A 100 -12.42 -18.96 -10.22
C PRO A 100 -10.92 -19.00 -10.51
N TYR A 101 -10.22 -19.90 -9.83
CA TYR A 101 -8.77 -19.86 -9.78
C TYR A 101 -8.17 -20.73 -10.89
N TYR A 102 -6.84 -20.85 -10.87
CA TYR A 102 -6.10 -21.68 -11.82
C TYR A 102 -6.13 -21.11 -13.23
N TYR A 103 -7.28 -21.19 -13.88
CA TYR A 103 -7.36 -20.95 -15.32
C TYR A 103 -6.95 -19.52 -15.66
N PRO A 104 -5.89 -19.31 -16.44
CA PRO A 104 -5.48 -17.95 -16.77
C PRO A 104 -6.35 -17.33 -17.85
N ARG A 105 -6.36 -16.00 -17.85
CA ARG A 105 -7.01 -15.21 -18.89
C ARG A 105 -8.45 -15.65 -19.11
N MET A 106 -9.23 -15.67 -18.03
CA MET A 106 -10.66 -15.78 -18.15
C MET A 106 -11.24 -14.43 -18.56
N SER A 107 -12.31 -14.47 -19.34
CA SER A 107 -12.90 -13.24 -19.84
C SER A 107 -13.61 -12.49 -18.71
N GLU A 108 -13.48 -11.16 -18.73
CA GLU A 108 -14.24 -10.32 -17.81
C GLU A 108 -15.72 -10.68 -17.86
N LYS A 109 -16.23 -10.99 -19.06
CA LYS A 109 -17.62 -11.45 -19.19
C LYS A 109 -17.86 -12.72 -18.37
N HIS A 110 -17.03 -13.74 -18.58
CA HIS A 110 -17.16 -14.98 -17.83
C HIS A 110 -17.03 -14.74 -16.34
N LEU A 111 -16.06 -13.90 -15.95
CA LEU A 111 -15.88 -13.59 -14.54
C LEU A 111 -17.12 -12.93 -13.96
N VAL A 112 -17.56 -11.83 -14.56
CA VAL A 112 -18.72 -11.10 -14.06
C VAL A 112 -19.93 -12.02 -13.97
N LYS A 113 -20.13 -12.89 -14.97
CA LYS A 113 -21.27 -13.80 -14.92
C LYS A 113 -21.14 -14.76 -13.74
N TYR A 114 -19.93 -15.19 -13.42
CA TYR A 114 -19.75 -16.08 -12.28
C TYR A 114 -20.23 -15.43 -11.00
N PHE A 115 -19.86 -14.17 -10.78
CA PHE A 115 -20.23 -13.50 -9.54
C PHE A 115 -21.69 -13.10 -9.54
N LYS A 116 -22.16 -12.47 -10.62
CA LYS A 116 -23.58 -12.12 -10.71
C LYS A 116 -24.45 -13.36 -10.50
N THR A 117 -24.00 -14.51 -10.99
CA THR A 117 -24.71 -15.76 -10.74
C THR A 117 -24.87 -16.00 -9.24
N LEU A 118 -23.76 -15.99 -8.50
CA LEU A 118 -23.82 -16.22 -7.06
C LEU A 118 -24.72 -15.22 -6.37
N CYS A 119 -24.81 -13.99 -6.89
CA CYS A 119 -25.70 -12.99 -6.31
C CYS A 119 -27.15 -13.37 -6.52
N GLU A 120 -27.50 -13.80 -7.74
CA GLU A 120 -28.88 -14.12 -8.05
C GLU A 120 -29.42 -15.24 -7.16
N VAL A 121 -28.55 -16.12 -6.68
CA VAL A 121 -28.98 -17.24 -5.83
C VAL A 121 -28.74 -16.99 -4.34
N SER A 122 -27.90 -16.03 -3.99
CA SER A 122 -27.49 -15.89 -2.59
C SER A 122 -28.67 -15.52 -1.72
N PRO A 123 -28.84 -16.17 -0.56
CA PRO A 123 -29.80 -15.70 0.44
C PRO A 123 -29.21 -14.75 1.49
N HIS A 124 -28.02 -14.23 1.26
CA HIS A 124 -27.30 -13.42 2.23
C HIS A 124 -26.47 -12.39 1.50
N PRO A 125 -26.00 -11.36 2.18
CA PRO A 125 -25.03 -10.43 1.58
C PRO A 125 -23.85 -11.17 0.96
N VAL A 126 -23.46 -10.70 -0.22
CA VAL A 126 -22.36 -11.31 -0.98
C VAL A 126 -21.13 -10.43 -0.80
N TYR A 127 -20.05 -11.03 -0.32
CA TYR A 127 -18.76 -10.37 -0.19
C TYR A 127 -17.79 -10.90 -1.24
N LEU A 128 -17.06 -10.00 -1.89
CA LEU A 128 -16.04 -10.38 -2.83
C LEU A 128 -14.75 -10.78 -2.10
N TYR A 129 -14.17 -11.90 -2.48
CA TYR A 129 -12.85 -12.32 -2.00
C TYR A 129 -11.89 -12.09 -3.16
N ASN A 130 -11.15 -11.00 -3.11
CA ASN A 130 -10.26 -10.60 -4.19
C ASN A 130 -8.82 -10.95 -3.82
N TYR A 131 -8.22 -11.84 -4.61
CA TYR A 131 -6.89 -12.38 -4.30
C TYR A 131 -6.17 -12.65 -5.62
N PRO A 132 -5.69 -11.59 -6.29
CA PRO A 132 -5.09 -11.80 -7.62
C PRO A 132 -3.98 -12.82 -7.66
N THR A 133 -3.09 -12.83 -6.67
CA THR A 133 -1.92 -13.70 -6.71
C THR A 133 -2.32 -15.17 -6.73
N ALA A 134 -3.22 -15.57 -5.83
CA ALA A 134 -3.59 -16.97 -5.70
C ALA A 134 -4.52 -17.42 -6.82
N THR A 135 -5.55 -16.62 -7.12
CA THR A 135 -6.53 -17.02 -8.13
C THR A 135 -6.03 -16.76 -9.54
N GLY A 136 -5.19 -15.74 -9.73
CA GLY A 136 -4.68 -15.43 -11.04
C GLY A 136 -5.51 -14.45 -11.84
N LYS A 137 -6.38 -13.68 -11.20
CA LYS A 137 -7.10 -12.61 -11.86
C LYS A 137 -7.61 -11.63 -10.82
N ASP A 138 -7.66 -10.36 -11.20
CA ASP A 138 -7.98 -9.25 -10.30
C ASP A 138 -9.39 -8.76 -10.56
N ILE A 139 -10.19 -8.67 -9.50
CA ILE A 139 -11.51 -8.09 -9.56
C ILE A 139 -11.37 -6.71 -8.92
N ASP A 140 -10.98 -5.73 -9.70
CA ASP A 140 -10.64 -4.42 -9.17
C ASP A 140 -11.90 -3.61 -8.87
N ALA A 141 -11.69 -2.38 -8.41
CA ALA A 141 -12.80 -1.52 -8.03
C ALA A 141 -13.82 -1.38 -9.17
N LYS A 142 -13.33 -1.34 -10.41
CA LYS A 142 -14.23 -1.13 -11.54
C LYS A 142 -15.09 -2.35 -11.80
N VAL A 143 -14.48 -3.54 -11.81
CA VAL A 143 -15.25 -4.76 -12.06
C VAL A 143 -16.20 -5.04 -10.91
N ALA A 144 -15.82 -4.65 -9.68
CA ALA A 144 -16.72 -4.81 -8.55
C ALA A 144 -17.98 -3.97 -8.74
N LYS A 145 -17.80 -2.71 -9.14
CA LYS A 145 -18.94 -1.86 -9.46
C LYS A 145 -19.77 -2.47 -10.59
N GLU A 146 -19.10 -2.93 -11.64
CA GLU A 146 -19.79 -3.55 -12.77
C GLU A 146 -20.68 -4.70 -12.31
N ILE A 147 -20.13 -5.59 -11.48
CA ILE A 147 -20.94 -6.66 -10.91
C ILE A 147 -22.01 -6.09 -9.99
N GLY A 148 -21.60 -5.18 -9.10
CA GLY A 148 -22.53 -4.36 -8.35
C GLY A 148 -23.55 -5.10 -7.50
N CYS A 149 -23.09 -6.08 -6.73
CA CYS A 149 -23.95 -6.68 -5.71
C CYS A 149 -23.14 -7.08 -4.49
N PHE A 150 -21.95 -6.53 -4.32
CA PHE A 150 -21.07 -6.88 -3.21
C PHE A 150 -21.30 -5.94 -2.04
N THR A 151 -21.70 -6.50 -0.90
CA THR A 151 -21.78 -5.69 0.32
C THR A 151 -20.39 -5.25 0.76
N GLY A 152 -19.36 -6.06 0.53
CA GLY A 152 -18.01 -5.73 0.95
C GLY A 152 -17.00 -6.47 0.12
N VAL A 153 -15.73 -6.29 0.47
CA VAL A 153 -14.63 -6.94 -0.22
C VAL A 153 -13.49 -7.18 0.75
N LYS A 154 -12.81 -8.31 0.59
CA LYS A 154 -11.52 -8.58 1.19
C LYS A 154 -10.48 -8.54 0.08
N ASP A 155 -9.59 -7.56 0.13
CA ASP A 155 -8.62 -7.30 -0.94
C ASP A 155 -7.24 -7.73 -0.45
N VAL A 156 -6.80 -8.91 -0.88
CA VAL A 156 -5.47 -9.43 -0.56
C VAL A 156 -4.53 -8.95 -1.65
N ILE A 157 -3.78 -7.89 -1.38
CA ILE A 157 -2.92 -7.29 -2.39
C ILE A 157 -1.97 -6.31 -1.71
N GLU A 158 -0.78 -6.14 -2.29
CA GLU A 158 0.21 -5.22 -1.75
C GLU A 158 -0.15 -3.77 -2.03
N ASN A 159 -0.77 -3.51 -3.18
CA ASN A 159 -1.12 -2.16 -3.61
C ASN A 159 -2.32 -1.69 -2.80
N ILE A 160 -2.07 -0.83 -1.81
CA ILE A 160 -3.17 -0.35 -0.97
C ILE A 160 -4.04 0.68 -1.68
N ILE A 161 -3.53 1.31 -2.73
CA ILE A 161 -4.38 2.16 -3.58
C ILE A 161 -5.53 1.31 -4.12
N HIS A 162 -5.18 0.20 -4.77
CA HIS A 162 -6.16 -0.80 -5.21
C HIS A 162 -7.28 -0.95 -4.20
N THR A 163 -6.93 -1.11 -2.93
CA THR A 163 -7.93 -1.29 -1.89
C THR A 163 -8.78 -0.04 -1.73
N LEU A 164 -8.13 1.12 -1.59
CA LEU A 164 -8.87 2.36 -1.41
C LEU A 164 -9.82 2.63 -2.57
N ASP A 165 -9.52 2.07 -3.75
CA ASP A 165 -10.31 2.40 -4.93
C ASP A 165 -11.68 1.75 -4.92
N TYR A 166 -11.85 0.64 -4.19
CA TYR A 166 -13.20 0.10 -4.00
C TYR A 166 -14.10 1.12 -3.30
N LYS A 167 -13.54 1.82 -2.31
CA LYS A 167 -14.30 2.86 -1.62
C LYS A 167 -14.48 4.10 -2.51
N ARG A 168 -13.54 4.34 -3.42
CA ARG A 168 -13.66 5.48 -4.33
C ARG A 168 -14.84 5.30 -5.28
N LEU A 169 -14.94 4.13 -5.90
CA LEU A 169 -16.01 3.89 -6.88
C LEU A 169 -17.27 3.32 -6.24
N ASN A 170 -17.15 2.61 -5.13
CA ASN A 170 -18.29 2.06 -4.39
C ASN A 170 -18.29 2.71 -3.01
N PRO A 171 -18.82 3.92 -2.89
CA PRO A 171 -18.72 4.65 -1.62
C PRO A 171 -19.43 3.97 -0.46
N ASN A 172 -20.30 3.01 -0.72
CA ASN A 172 -21.09 2.36 0.31
C ASN A 172 -20.60 0.95 0.63
N MET A 173 -19.53 0.49 -0.01
CA MET A 173 -19.05 -0.88 0.17
C MET A 173 -18.05 -0.94 1.32
N LEU A 174 -18.21 -1.97 2.16
CA LEU A 174 -17.18 -2.29 3.15
C LEU A 174 -15.92 -2.76 2.42
N VAL A 175 -14.79 -2.17 2.78
CA VAL A 175 -13.50 -2.55 2.18
C VAL A 175 -12.57 -3.00 3.29
N TYR A 176 -12.26 -4.29 3.31
CA TYR A 176 -11.27 -4.85 4.21
C TYR A 176 -9.99 -5.13 3.44
N SER A 177 -8.89 -5.29 4.19
CA SER A 177 -7.60 -5.64 3.63
C SER A 177 -7.17 -7.00 4.14
N GLY A 178 -6.51 -7.77 3.29
CA GLY A 178 -6.01 -9.08 3.66
C GLY A 178 -4.64 -9.07 4.28
N SER A 179 -4.12 -7.91 4.66
CA SER A 179 -2.78 -7.79 5.18
C SER A 179 -2.81 -7.74 6.70
N ASP A 180 -1.98 -8.59 7.32
CA ASP A 180 -1.76 -8.47 8.75
C ASP A 180 -0.89 -7.26 9.08
N MET A 181 -0.08 -6.82 8.12
CA MET A 181 0.90 -5.76 8.35
C MET A 181 0.32 -4.36 8.15
N LEU A 182 -0.99 -4.24 7.88
CA LEU A 182 -1.62 -2.95 7.71
C LEU A 182 -2.83 -2.78 8.63
N ILE A 183 -2.88 -3.52 9.75
CA ILE A 183 -3.98 -3.38 10.69
C ILE A 183 -4.06 -1.94 11.20
N ALA A 184 -2.91 -1.38 11.60
CA ALA A 184 -2.88 0.00 12.07
C ALA A 184 -3.14 0.97 10.93
N THR A 185 -2.53 0.74 9.77
CA THR A 185 -2.68 1.67 8.65
C THR A 185 -4.13 1.70 8.17
N VAL A 186 -4.74 0.54 7.98
CA VAL A 186 -6.12 0.48 7.51
C VAL A 186 -7.02 1.26 8.46
N ALA A 187 -6.99 0.92 9.74
CA ALA A 187 -7.81 1.62 10.73
C ALA A 187 -7.70 3.13 10.57
N SER A 188 -6.47 3.63 10.47
CA SER A 188 -6.24 5.07 10.53
C SER A 188 -6.68 5.80 9.28
N THR A 189 -6.75 5.13 8.13
CA THR A 189 -7.08 5.78 6.86
C THR A 189 -8.54 5.62 6.47
N GLY A 190 -9.40 5.18 7.39
CA GLY A 190 -10.81 5.15 7.13
C GLY A 190 -11.32 3.94 6.36
N LEU A 191 -10.57 2.85 6.33
CA LEU A 191 -11.05 1.59 5.78
C LEU A 191 -11.61 0.73 6.91
N ASP A 192 -12.35 -0.31 6.54
CA ASP A 192 -13.30 -0.94 7.45
C ASP A 192 -12.76 -2.12 8.24
N GLY A 193 -11.50 -2.50 8.06
CA GLY A 193 -10.91 -3.53 8.89
C GLY A 193 -9.97 -4.40 8.10
N ASN A 194 -9.50 -5.46 8.77
CA ASN A 194 -8.51 -6.37 8.22
C ASN A 194 -8.95 -7.80 8.47
N VAL A 195 -8.88 -8.63 7.43
CA VAL A 195 -9.03 -10.08 7.56
C VAL A 195 -7.62 -10.62 7.73
N ALA A 196 -7.23 -10.91 8.97
CA ALA A 196 -5.83 -11.13 9.32
C ALA A 196 -5.59 -12.62 9.58
N LEU A 197 -4.73 -13.21 8.75
CA LEU A 197 -4.27 -14.58 9.01
C LEU A 197 -3.72 -14.70 10.42
N GLY A 198 -3.04 -13.65 10.92
CA GLY A 198 -2.35 -13.72 12.19
C GLY A 198 -3.25 -13.61 13.41
N SER A 199 -4.48 -13.14 13.24
CA SER A 199 -5.45 -13.15 14.34
C SER A 199 -5.80 -14.56 14.77
N ASN A 200 -5.41 -15.58 13.99
CA ASN A 200 -5.62 -16.96 14.40
C ASN A 200 -4.82 -17.29 15.65
N TYR A 201 -3.58 -16.82 15.74
CA TYR A 201 -2.72 -17.14 16.87
C TYR A 201 -2.42 -15.96 17.78
N LEU A 202 -2.72 -14.74 17.37
CA LEU A 202 -2.56 -13.55 18.23
C LEU A 202 -3.73 -12.61 18.02
N PRO A 203 -4.93 -13.02 18.42
CA PRO A 203 -6.08 -12.10 18.35
C PRO A 203 -5.89 -10.86 19.22
N GLU A 204 -5.41 -11.05 20.45
CA GLU A 204 -5.16 -9.92 21.35
C GLU A 204 -4.42 -8.80 20.64
N VAL A 205 -3.37 -9.14 19.90
CA VAL A 205 -2.54 -8.13 19.24
C VAL A 205 -3.31 -7.46 18.12
N THR A 206 -3.81 -8.25 17.16
CA THR A 206 -4.50 -7.69 16.02
C THR A 206 -5.61 -6.73 16.44
N VAL A 207 -6.33 -7.06 17.51
CA VAL A 207 -7.40 -6.20 18.00
C VAL A 207 -6.82 -4.98 18.72
N THR A 208 -5.73 -5.16 19.46
CA THR A 208 -5.13 -4.03 20.16
C THR A 208 -4.54 -3.01 19.18
N ILE A 209 -3.84 -3.48 18.15
CA ILE A 209 -3.29 -2.57 17.13
C ILE A 209 -4.41 -1.69 16.58
N LYS A 210 -5.51 -2.31 16.15
CA LYS A 210 -6.67 -1.56 15.71
C LYS A 210 -7.13 -0.57 16.78
N LYS A 211 -7.25 -1.05 18.02
CA LYS A 211 -7.71 -0.20 19.11
C LYS A 211 -6.86 1.06 19.23
N LEU A 212 -5.54 0.88 19.41
CA LEU A 212 -4.66 2.02 19.62
C LEU A 212 -4.81 3.07 18.51
N ALA A 213 -4.70 2.64 17.25
CA ALA A 213 -4.78 3.59 16.15
C ALA A 213 -6.12 4.34 16.15
N MET A 214 -7.19 3.67 16.59
CA MET A 214 -8.50 4.31 16.67
C MET A 214 -8.63 5.22 17.89
N GLU A 215 -7.80 5.02 18.92
CA GLU A 215 -7.64 5.98 20.00
C GLU A 215 -6.67 7.11 19.63
N ARG A 216 -6.26 7.17 18.36
CA ARG A 216 -5.38 8.19 17.81
C ARG A 216 -3.95 8.09 18.33
N LYS A 217 -3.62 7.01 19.05
CA LYS A 217 -2.25 6.73 19.46
C LYS A 217 -1.59 5.92 18.33
N ILE A 218 -1.28 6.62 17.25
CA ILE A 218 -0.75 5.93 16.07
C ILE A 218 0.69 5.46 16.31
N ASP A 219 1.47 6.21 17.08
CA ASP A 219 2.84 5.78 17.34
C ASP A 219 2.89 4.53 18.19
N GLU A 220 1.93 4.38 19.12
CA GLU A 220 1.84 3.13 19.87
C GLU A 220 1.34 1.99 18.99
N ALA A 221 0.47 2.30 18.02
CA ALA A 221 -0.05 1.28 17.13
C ALA A 221 1.05 0.71 16.23
N LEU A 222 1.88 1.58 15.66
CA LEU A 222 3.01 1.12 14.85
C LEU A 222 3.97 0.30 15.70
N LYS A 223 4.21 0.73 16.94
CA LYS A 223 5.12 0.00 17.82
C LYS A 223 4.67 -1.44 18.00
N LEU A 224 3.37 -1.66 18.16
CA LEU A 224 2.85 -3.03 18.27
C LEU A 224 2.67 -3.67 16.91
N GLN A 225 2.30 -2.88 15.89
CA GLN A 225 2.20 -3.40 14.54
C GLN A 225 3.53 -3.98 14.08
N PHE A 226 4.64 -3.27 14.35
CA PHE A 226 5.94 -3.76 13.95
C PHE A 226 6.31 -5.05 14.68
N LEU A 227 5.84 -5.22 15.92
CA LEU A 227 6.05 -6.49 16.62
C LEU A 227 5.29 -7.62 15.92
N HIS A 228 4.03 -7.36 15.54
CA HIS A 228 3.26 -8.37 14.82
C HIS A 228 3.91 -8.68 13.47
N ASP A 229 4.58 -7.71 12.85
CA ASP A 229 5.23 -7.94 11.58
C ASP A 229 6.32 -9.00 11.69
N GLU A 230 6.98 -9.10 12.85
CA GLU A 230 8.02 -10.11 13.03
C GLU A 230 7.42 -11.50 13.19
N VAL A 231 6.20 -11.60 13.73
CA VAL A 231 5.55 -12.90 13.84
C VAL A 231 5.10 -13.37 12.47
N ILE A 232 4.59 -12.45 11.65
CA ILE A 232 4.23 -12.79 10.27
C ILE A 232 5.45 -13.31 9.52
N GLU A 233 6.58 -12.61 9.66
CA GLU A 233 7.77 -12.98 8.91
C GLU A 233 8.32 -14.34 9.36
N ALA A 234 8.39 -14.56 10.68
CA ALA A 234 8.91 -15.83 11.17
C ALA A 234 8.06 -17.00 10.68
N SER A 235 6.73 -16.86 10.75
CA SER A 235 5.85 -17.92 10.27
C SER A 235 6.15 -18.28 8.82
N ARG A 236 6.55 -17.29 8.01
CA ARG A 236 6.82 -17.52 6.60
C ARG A 236 8.05 -18.40 6.36
N ILE A 237 8.83 -18.69 7.39
CA ILE A 237 10.06 -19.46 7.20
C ILE A 237 9.76 -20.85 6.67
N PHE A 238 8.79 -21.53 7.28
CA PHE A 238 8.44 -22.90 6.91
C PHE A 238 7.10 -22.97 6.19
N GLY A 239 6.72 -21.90 5.51
CA GLY A 239 5.40 -21.84 4.89
C GLY A 239 4.35 -21.48 5.92
N SER A 240 3.82 -20.26 5.84
CA SER A 240 2.97 -19.75 6.91
C SER A 240 1.61 -20.42 6.95
N LEU A 241 1.15 -21.02 5.85
CA LEU A 241 -0.10 -21.76 5.90
C LEU A 241 0.00 -22.92 6.89
N SER A 242 1.17 -23.56 6.95
CA SER A 242 1.41 -24.65 7.89
C SER A 242 1.85 -24.16 9.25
N SER A 243 2.54 -23.01 9.31
CA SER A 243 3.06 -22.50 10.57
C SER A 243 1.96 -21.95 11.48
N ASN A 244 0.82 -21.56 10.93
CA ASN A 244 -0.28 -21.07 11.77
C ASN A 244 -0.70 -22.11 12.79
N TYR A 245 -0.72 -23.39 12.38
CA TYR A 245 -1.07 -24.45 13.31
C TYR A 245 -0.11 -24.47 14.50
N VAL A 246 1.18 -24.28 14.25
CA VAL A 246 2.17 -24.32 15.33
C VAL A 246 2.12 -23.06 16.18
N LEU A 247 1.80 -21.93 15.57
CA LEU A 247 1.78 -20.67 16.32
C LEU A 247 0.53 -20.55 17.20
N THR A 248 -0.61 -21.03 16.73
CA THR A 248 -1.81 -21.00 17.55
C THR A 248 -1.65 -21.87 18.79
N LYS A 249 -1.10 -23.08 18.62
CA LYS A 249 -0.85 -23.93 19.77
C LYS A 249 0.10 -23.25 20.76
N TYR A 250 1.13 -22.59 20.24
CA TYR A 250 2.10 -21.93 21.12
C TYR A 250 1.44 -20.80 21.89
N PHE A 251 0.75 -19.90 21.18
CA PHE A 251 0.24 -18.67 21.79
C PHE A 251 -1.11 -18.86 22.48
N GLN A 252 -2.00 -19.67 21.91
CA GLN A 252 -3.34 -19.82 22.46
C GLN A 252 -3.50 -21.08 23.31
N GLY A 253 -2.53 -22.00 23.26
CA GLY A 253 -2.46 -23.08 24.21
C GLY A 253 -3.31 -24.30 23.92
N TYR A 254 -3.91 -24.40 22.74
CA TYR A 254 -4.66 -25.59 22.36
C TYR A 254 -4.23 -26.08 21.00
N ASP A 255 -4.45 -27.38 20.77
CA ASP A 255 -4.03 -28.03 19.54
C ASP A 255 -5.08 -27.85 18.45
N LEU A 256 -4.61 -27.60 17.22
CA LEU A 256 -5.48 -27.48 16.05
C LEU A 256 -5.25 -28.61 15.06
N GLY A 257 -4.47 -29.63 15.43
CA GLY A 257 -4.28 -30.78 14.57
C GLY A 257 -3.30 -30.54 13.44
N TYR A 258 -3.60 -31.11 12.28
CA TYR A 258 -2.74 -31.02 11.11
C TYR A 258 -3.39 -30.21 10.01
N PRO A 259 -2.59 -29.67 9.09
CA PRO A 259 -3.17 -29.18 7.83
C PRO A 259 -3.44 -30.34 6.87
N ARG A 260 -3.79 -30.03 5.62
CA ARG A 260 -4.07 -31.05 4.62
C ARG A 260 -2.97 -31.09 3.58
N PRO A 261 -2.18 -32.17 3.49
CA PRO A 261 -1.19 -32.26 2.42
C PRO A 261 -1.84 -32.06 1.06
N PRO A 262 -1.15 -31.44 0.10
CA PRO A 262 0.22 -30.90 0.05
C PRO A 262 0.54 -29.68 0.92
N ILE A 263 -0.36 -29.27 1.82
CA ILE A 263 -0.05 -28.25 2.82
C ILE A 263 0.46 -29.03 4.04
N PHE A 264 1.78 -29.26 4.07
CA PHE A 264 2.37 -30.22 4.99
C PHE A 264 2.59 -29.60 6.36
N PRO A 265 2.34 -30.35 7.45
CA PRO A 265 2.68 -29.85 8.78
C PRO A 265 4.20 -29.68 8.92
N LEU A 266 4.57 -28.84 9.89
CA LEU A 266 5.96 -28.78 10.30
C LEU A 266 6.27 -29.99 11.17
N ASP A 267 7.52 -30.44 11.12
CA ASP A 267 7.94 -31.55 11.95
C ASP A 267 8.45 -31.04 13.28
N ASP A 268 8.85 -31.96 14.16
CA ASP A 268 9.38 -31.58 15.46
C ASP A 268 10.54 -30.59 15.31
N GLU A 269 11.37 -30.79 14.29
CA GLU A 269 12.56 -29.96 14.13
C GLU A 269 12.20 -28.54 13.69
N GLU A 270 11.32 -28.42 12.70
CA GLU A 270 10.92 -27.10 12.24
C GLU A 270 10.09 -26.37 13.29
N GLU A 271 9.15 -27.08 13.93
CA GLU A 271 8.38 -26.48 15.00
C GLU A 271 9.27 -25.94 16.11
N ARG A 272 10.33 -26.68 16.46
CA ARG A 272 11.23 -26.23 17.52
C ARG A 272 11.87 -24.89 17.18
N GLN A 273 12.36 -24.75 15.94
CA GLN A 273 13.06 -23.53 15.57
C GLN A 273 12.11 -22.33 15.51
N LEU A 274 10.91 -22.53 14.96
CA LEU A 274 9.96 -21.42 14.85
C LEU A 274 9.65 -20.83 16.22
N ILE A 275 9.51 -21.68 17.23
CA ILE A 275 9.20 -21.19 18.57
C ILE A 275 10.36 -20.36 19.10
N LYS A 276 11.61 -20.79 18.83
CA LYS A 276 12.75 -19.96 19.18
C LYS A 276 12.65 -18.58 18.56
N LYS A 277 12.18 -18.51 17.30
CA LYS A 277 12.07 -17.24 16.61
C LYS A 277 11.09 -16.30 17.30
N VAL A 278 10.06 -16.85 17.94
CA VAL A 278 9.01 -16.05 18.56
C VAL A 278 9.05 -16.11 20.08
N GLU A 279 10.10 -16.70 20.66
CA GLU A 279 10.26 -16.68 22.11
C GLU A 279 10.28 -15.25 22.63
N GLY A 280 11.21 -14.44 22.11
CA GLY A 280 11.31 -13.06 22.58
C GLY A 280 10.03 -12.27 22.38
N ILE A 281 9.40 -12.45 21.21
CA ILE A 281 8.20 -11.67 20.92
C ILE A 281 7.12 -11.95 21.95
N ARG A 282 6.93 -13.21 22.31
CA ARG A 282 6.01 -13.53 23.40
C ARG A 282 6.36 -12.75 24.65
N ALA A 283 7.66 -12.57 24.92
CA ALA A 283 8.08 -11.88 26.13
C ALA A 283 7.69 -10.41 26.10
N LYS A 284 7.93 -9.74 24.98
CA LYS A 284 7.55 -8.33 24.88
C LYS A 284 6.05 -8.14 24.99
N LEU A 285 5.25 -9.09 24.52
CA LEU A 285 3.80 -8.98 24.64
C LEU A 285 3.34 -9.30 26.05
N VAL A 286 4.05 -10.18 26.77
CA VAL A 286 3.68 -10.48 28.15
C VAL A 286 4.08 -9.33 29.08
N GLU A 287 5.24 -8.72 28.84
CA GLU A 287 5.61 -7.51 29.56
C GLU A 287 4.57 -6.42 29.34
N LEU A 288 4.37 -6.03 28.08
CA LEU A 288 3.32 -5.07 27.73
C LEU A 288 1.93 -5.53 28.15
N LYS A 289 1.81 -6.76 28.65
CA LYS A 289 0.56 -7.29 29.20
C LYS A 289 -0.52 -7.42 28.14
N ILE A 290 -0.11 -7.63 26.89
CA ILE A 290 -1.05 -8.02 25.83
C ILE A 290 -1.35 -9.51 25.90
N LEU A 291 -0.51 -10.29 26.56
CA LEU A 291 -0.70 -11.72 26.73
C LEU A 291 -0.68 -12.09 28.20
N LYS A 292 -1.51 -13.06 28.58
CA LYS A 292 -1.45 -13.61 29.92
C LYS A 292 -0.14 -14.34 30.12
N GLU A 293 0.34 -14.37 31.37
CA GLU A 293 1.60 -15.00 31.71
C GLU A 293 1.67 -16.41 31.15
N PRO B 1 4.09 15.83 9.27
CA PRO B 1 4.32 15.37 7.89
C PRO B 1 4.49 16.51 6.89
N GLU B 2 5.19 16.24 5.79
CA GLU B 2 5.53 17.26 4.82
C GLU B 2 4.93 16.95 3.46
N ILE B 3 4.95 17.95 2.59
CA ILE B 3 4.66 17.78 1.17
C ILE B 3 5.84 18.36 0.41
N ILE B 4 6.53 17.51 -0.35
CA ILE B 4 7.69 17.94 -1.14
C ILE B 4 7.31 17.87 -2.61
N THR B 5 7.92 18.75 -3.39
CA THR B 5 7.57 18.89 -4.80
C THR B 5 8.73 18.47 -5.68
N PRO B 6 8.64 17.36 -6.42
CA PRO B 6 9.68 17.06 -7.40
C PRO B 6 9.52 18.00 -8.59
N ILE B 7 10.21 19.14 -8.51
CA ILE B 7 9.82 20.31 -9.29
C ILE B 7 10.07 20.08 -10.77
N ILE B 8 9.10 20.48 -11.59
CA ILE B 8 9.23 20.40 -13.04
C ILE B 8 10.48 21.18 -13.47
N THR B 9 11.05 20.78 -14.61
CA THR B 9 12.14 21.52 -15.24
C THR B 9 11.61 22.18 -16.50
N PRO B 10 11.35 23.49 -16.50
CA PRO B 10 10.86 24.15 -17.71
C PRO B 10 11.97 24.30 -18.74
N PHE B 11 11.69 23.90 -19.97
CA PHE B 11 12.63 24.01 -21.08
C PHE B 11 12.13 25.05 -22.09
N THR B 12 13.07 25.74 -22.71
CA THR B 12 12.76 26.68 -23.76
C THR B 12 12.51 25.95 -25.08
N LYS B 13 12.09 26.70 -26.10
CA LYS B 13 11.78 26.09 -27.38
C LYS B 13 13.03 25.55 -28.06
N ASP B 14 14.21 26.12 -27.75
CA ASP B 14 15.48 25.59 -28.23
C ASP B 14 16.09 24.58 -27.25
N ASN B 15 15.31 24.08 -26.30
CA ASN B 15 15.72 22.98 -25.43
C ASN B 15 16.84 23.38 -24.49
N ARG B 16 16.64 24.50 -23.81
CA ARG B 16 17.56 25.05 -22.82
C ARG B 16 16.76 25.28 -21.55
N ILE B 17 17.38 25.03 -20.39
CA ILE B 17 16.65 25.18 -19.14
C ILE B 17 16.21 26.64 -19.00
N ASP B 18 14.92 26.84 -18.72
CA ASP B 18 14.38 28.19 -18.54
C ASP B 18 14.54 28.55 -17.07
N LYS B 19 15.70 29.12 -16.74
CA LYS B 19 15.98 29.47 -15.34
C LYS B 19 14.91 30.39 -14.78
N GLU B 20 14.39 31.30 -15.62
CA GLU B 20 13.48 32.33 -15.13
C GLU B 20 12.08 31.76 -14.86
N LYS B 21 11.56 30.93 -15.76
CA LYS B 21 10.29 30.28 -15.49
C LYS B 21 10.39 29.33 -14.30
N LEU B 22 11.53 28.63 -14.19
CA LEU B 22 11.73 27.73 -13.06
C LEU B 22 11.64 28.48 -11.73
N LYS B 23 12.16 29.71 -11.69
CA LYS B 23 12.11 30.49 -10.46
C LYS B 23 10.68 30.87 -10.11
N ILE B 24 9.93 31.40 -11.08
CA ILE B 24 8.53 31.77 -10.85
C ILE B 24 7.74 30.59 -10.30
N HIS B 25 8.09 29.38 -10.74
CA HIS B 25 7.38 28.19 -10.29
C HIS B 25 7.77 27.82 -8.86
N ALA B 26 9.07 27.86 -8.56
CA ALA B 26 9.52 27.56 -7.19
C ALA B 26 8.90 28.52 -6.19
N GLU B 27 8.74 29.79 -6.57
CA GLU B 27 8.16 30.77 -5.67
C GLU B 27 6.70 30.45 -5.37
N ASN B 28 5.90 30.23 -6.42
CA ASN B 28 4.51 29.83 -6.22
C ASN B 28 4.40 28.63 -5.30
N LEU B 29 5.33 27.67 -5.43
CA LEU B 29 5.27 26.45 -4.64
C LEU B 29 5.54 26.73 -3.17
N ILE B 30 6.69 27.36 -2.88
CA ILE B 30 6.97 27.77 -1.50
C ILE B 30 5.88 28.68 -0.98
N ARG B 31 5.42 29.62 -1.81
CA ARG B 31 4.34 30.51 -1.43
C ARG B 31 3.12 29.73 -0.96
N LYS B 32 2.70 28.74 -1.74
CA LYS B 32 1.47 28.01 -1.46
C LYS B 32 1.62 26.97 -0.35
N GLY B 33 2.79 26.88 0.28
CA GLY B 33 2.96 26.07 1.47
C GLY B 33 3.69 24.76 1.29
N ILE B 34 4.38 24.56 0.16
CA ILE B 34 5.18 23.36 -0.01
C ILE B 34 6.37 23.42 0.92
N ASP B 35 6.71 22.28 1.52
CA ASP B 35 7.74 22.24 2.56
C ASP B 35 9.14 22.30 1.96
N LYS B 36 9.47 21.40 1.03
CA LYS B 36 10.76 21.42 0.36
C LYS B 36 10.54 21.18 -1.12
N LEU B 37 11.60 21.37 -1.91
CA LEU B 37 11.59 21.17 -3.35
C LEU B 37 12.63 20.11 -3.70
N PHE B 38 12.18 19.00 -4.29
CA PHE B 38 13.04 17.89 -4.67
C PHE B 38 13.46 18.09 -6.12
N VAL B 39 14.74 18.33 -6.34
CA VAL B 39 15.24 18.80 -7.63
C VAL B 39 15.88 17.65 -8.38
N ASN B 40 15.62 17.60 -9.69
CA ASN B 40 16.19 16.60 -10.60
C ASN B 40 15.59 15.22 -10.40
N GLY B 41 14.36 15.14 -9.90
CA GLY B 41 13.64 13.89 -9.83
C GLY B 41 13.09 13.48 -11.17
N THR B 42 12.32 12.39 -11.16
CA THR B 42 11.67 11.93 -12.38
C THR B 42 10.80 13.02 -12.99
N THR B 43 10.04 13.73 -12.16
CA THR B 43 9.09 14.72 -12.65
C THR B 43 9.76 15.89 -13.35
N GLY B 44 11.04 16.15 -13.04
CA GLY B 44 11.79 17.18 -13.71
C GLY B 44 12.79 16.62 -14.70
N LEU B 45 12.61 15.36 -15.08
CA LEU B 45 13.41 14.73 -16.14
C LEU B 45 14.88 14.66 -15.76
N GLY B 46 15.16 14.34 -14.50
CA GLY B 46 16.50 14.26 -14.00
C GLY B 46 17.43 13.43 -14.86
N PRO B 47 17.06 12.18 -15.15
CA PRO B 47 17.92 11.33 -15.98
C PRO B 47 18.13 11.87 -17.39
N SER B 48 17.30 12.81 -17.84
CA SER B 48 17.47 13.46 -19.13
C SER B 48 18.39 14.66 -19.07
N LEU B 49 18.95 14.97 -17.91
CA LEU B 49 19.72 16.19 -17.71
C LEU B 49 21.21 15.88 -17.58
N SER B 50 22.02 16.73 -18.20
CA SER B 50 23.46 16.61 -18.08
C SER B 50 23.92 17.05 -16.69
N PRO B 51 25.07 16.55 -16.23
CA PRO B 51 25.60 17.02 -14.94
C PRO B 51 25.61 18.53 -14.80
N GLU B 52 25.84 19.27 -15.88
CA GLU B 52 25.82 20.73 -15.79
C GLU B 52 24.40 21.27 -15.70
N GLU B 53 23.42 20.55 -16.28
CA GLU B 53 22.03 20.98 -16.18
C GLU B 53 21.45 20.63 -14.83
N LYS B 54 21.78 19.44 -14.30
CA LYS B 54 21.38 19.11 -12.93
C LYS B 54 21.84 20.18 -11.96
N LEU B 55 23.00 20.79 -12.23
CA LEU B 55 23.51 21.86 -11.38
C LEU B 55 22.78 23.18 -11.65
N GLU B 56 22.48 23.46 -12.92
CA GLU B 56 21.65 24.61 -13.25
C GLU B 56 20.40 24.66 -12.39
N ASN B 57 19.64 23.55 -12.38
CA ASN B 57 18.41 23.49 -11.60
C ASN B 57 18.65 23.85 -10.14
N LEU B 58 19.72 23.32 -9.54
CA LEU B 58 20.07 23.69 -8.18
C LEU B 58 20.29 25.19 -8.07
N LYS B 59 21.20 25.73 -8.88
CA LYS B 59 21.56 27.14 -8.77
C LYS B 59 20.36 28.06 -9.01
N ALA B 60 19.43 27.66 -9.89
CA ALA B 60 18.28 28.51 -10.17
C ALA B 60 17.23 28.44 -9.07
N VAL B 61 17.05 27.27 -8.46
CA VAL B 61 16.11 27.16 -7.35
C VAL B 61 16.70 27.70 -6.06
N TYR B 62 18.03 27.72 -5.95
CA TYR B 62 18.66 28.25 -4.73
C TYR B 62 18.59 29.77 -4.67
N ASP B 63 18.31 30.43 -5.80
CA ASP B 63 17.97 31.85 -5.76
C ASP B 63 16.63 32.10 -5.08
N VAL B 64 15.83 31.06 -4.85
CA VAL B 64 14.48 31.19 -4.34
C VAL B 64 14.38 30.65 -2.91
N THR B 65 14.80 29.41 -2.69
CA THR B 65 14.68 28.79 -1.37
C THR B 65 15.84 27.83 -1.16
N ASN B 66 16.25 27.68 0.10
CA ASN B 66 17.26 26.70 0.47
C ASN B 66 16.63 25.43 1.04
N LYS B 67 15.32 25.27 0.92
CA LYS B 67 14.64 24.04 1.32
C LYS B 67 14.65 23.05 0.15
N ILE B 68 15.86 22.65 -0.24
CA ILE B 68 16.09 21.87 -1.44
C ILE B 68 16.70 20.52 -1.07
N ILE B 69 16.26 19.48 -1.75
CA ILE B 69 16.96 18.20 -1.78
C ILE B 69 17.41 17.96 -3.22
N PHE B 70 18.68 17.63 -3.39
CA PHE B 70 19.38 17.79 -4.66
C PHE B 70 19.76 16.41 -5.21
N GLN B 71 19.04 15.97 -6.24
CA GLN B 71 19.27 14.65 -6.83
C GLN B 71 20.44 14.72 -7.81
N VAL B 72 21.37 13.77 -7.69
CA VAL B 72 22.64 13.83 -8.39
C VAL B 72 23.00 12.54 -9.11
N GLY B 73 22.11 11.55 -9.13
CA GLY B 73 22.47 10.25 -9.64
C GLY B 73 22.52 10.18 -11.15
N GLY B 74 23.34 9.26 -11.64
CA GLY B 74 23.43 8.98 -13.06
C GLY B 74 24.10 7.65 -13.26
N LEU B 75 24.56 7.43 -14.49
CA LEU B 75 25.32 6.22 -14.82
C LEU B 75 26.83 6.49 -14.90
N ASN B 76 27.28 7.61 -14.33
CA ASN B 76 28.69 7.95 -14.28
C ASN B 76 29.00 8.41 -12.86
N LEU B 77 29.73 7.57 -12.11
CA LEU B 77 29.95 7.85 -10.69
C LEU B 77 30.78 9.11 -10.50
N ASP B 78 31.81 9.30 -11.31
CA ASP B 78 32.63 10.50 -11.22
C ASP B 78 31.77 11.76 -11.39
N ASP B 79 30.77 11.70 -12.27
CA ASP B 79 29.84 12.82 -12.44
C ASP B 79 29.03 13.05 -11.16
N ALA B 80 28.48 11.98 -10.58
CA ALA B 80 27.68 12.12 -9.38
C ALA B 80 28.53 12.59 -8.20
N ILE B 81 29.74 12.04 -8.05
CA ILE B 81 30.60 12.45 -6.95
C ILE B 81 30.92 13.93 -7.04
N ARG B 82 31.13 14.45 -8.25
CA ARG B 82 31.36 15.88 -8.41
C ARG B 82 30.14 16.67 -7.92
N LEU B 83 28.96 16.31 -8.41
CA LEU B 83 27.75 17.04 -8.02
C LEU B 83 27.54 16.96 -6.51
N ALA B 84 27.84 15.82 -5.90
CA ALA B 84 27.76 15.72 -4.45
C ALA B 84 28.68 16.75 -3.78
N LYS B 85 29.91 16.88 -4.30
CA LYS B 85 30.90 17.73 -3.65
C LYS B 85 30.63 19.21 -3.89
N LEU B 86 30.16 19.58 -5.08
CA LEU B 86 29.90 20.99 -5.37
C LEU B 86 28.74 21.53 -4.56
N SER B 87 27.83 20.66 -4.10
CA SER B 87 26.72 21.10 -3.27
C SER B 87 27.17 21.59 -1.89
N LYS B 88 28.47 21.46 -1.57
CA LYS B 88 28.92 21.88 -0.25
C LYS B 88 28.66 23.37 -0.02
N ASP B 89 28.85 24.18 -1.07
CA ASP B 89 28.65 25.62 -0.93
C ASP B 89 27.19 26.03 -0.93
N PHE B 90 26.27 25.06 -0.98
CA PHE B 90 24.84 25.32 -0.89
C PHE B 90 24.34 24.84 0.47
N ASP B 91 23.77 25.76 1.25
CA ASP B 91 23.12 25.41 2.52
C ASP B 91 21.72 24.91 2.19
N ILE B 92 21.58 23.60 2.06
CA ILE B 92 20.33 22.96 1.66
C ILE B 92 20.11 21.73 2.53
N VAL B 93 18.98 21.07 2.31
CA VAL B 93 18.55 19.96 3.17
C VAL B 93 19.42 18.74 2.96
N GLY B 94 19.71 18.41 1.70
CA GLY B 94 20.49 17.22 1.43
C GLY B 94 20.57 16.96 -0.06
N ILE B 95 21.24 15.85 -0.38
CA ILE B 95 21.35 15.37 -1.76
C ILE B 95 20.68 14.00 -1.82
N ALA B 96 20.30 13.62 -3.04
CA ALA B 96 19.60 12.37 -3.27
C ALA B 96 20.17 11.67 -4.49
N SER B 97 19.90 10.37 -4.57
CA SER B 97 20.31 9.57 -5.72
C SER B 97 19.40 8.37 -5.85
N TYR B 98 18.82 8.20 -7.05
CA TYR B 98 18.15 6.94 -7.36
C TYR B 98 19.20 5.88 -7.68
N ALA B 99 18.82 4.62 -7.51
CA ALA B 99 19.73 3.53 -7.82
C ALA B 99 20.12 3.59 -9.30
N PRO B 100 21.34 3.17 -9.64
CA PRO B 100 21.75 3.20 -11.06
C PRO B 100 20.75 2.47 -11.95
N TYR B 101 20.21 3.19 -12.93
CA TYR B 101 19.04 2.72 -13.67
C TYR B 101 19.45 1.94 -14.91
N TYR B 102 18.43 1.44 -15.62
CA TYR B 102 18.59 0.73 -16.88
C TYR B 102 19.14 -0.68 -16.69
N TYR B 103 20.42 -0.79 -16.35
CA TYR B 103 21.09 -2.08 -16.34
C TYR B 103 20.41 -3.05 -15.36
N PRO B 104 19.80 -4.12 -15.87
CA PRO B 104 19.04 -5.01 -14.99
C PRO B 104 19.92 -5.95 -14.17
N ARG B 105 19.41 -6.31 -13.00
CA ARG B 105 20.00 -7.37 -12.18
C ARG B 105 21.43 -7.05 -11.79
N MET B 106 21.63 -5.85 -11.25
CA MET B 106 22.90 -5.53 -10.63
C MET B 106 22.99 -6.19 -9.27
N SER B 107 24.21 -6.45 -8.82
CA SER B 107 24.42 -7.16 -7.57
C SER B 107 24.10 -6.24 -6.38
N GLU B 108 23.70 -6.85 -5.27
CA GLU B 108 23.49 -6.09 -4.05
C GLU B 108 24.78 -5.45 -3.57
N LYS B 109 25.92 -6.10 -3.82
CA LYS B 109 27.20 -5.52 -3.43
C LYS B 109 27.53 -4.29 -4.26
N HIS B 110 27.22 -4.32 -5.56
CA HIS B 110 27.55 -3.21 -6.44
C HIS B 110 26.65 -2.01 -6.21
N LEU B 111 25.40 -2.24 -5.79
CA LEU B 111 24.50 -1.14 -5.47
C LEU B 111 24.84 -0.51 -4.13
N VAL B 112 25.08 -1.35 -3.11
CA VAL B 112 25.48 -0.83 -1.80
C VAL B 112 26.75 0.00 -1.91
N LYS B 113 27.65 -0.38 -2.84
CA LYS B 113 28.88 0.38 -3.03
C LYS B 113 28.62 1.73 -3.67
N TYR B 114 27.70 1.76 -4.64
CA TYR B 114 27.36 3.03 -5.30
C TYR B 114 26.87 4.05 -4.28
N PHE B 115 25.98 3.62 -3.38
CA PHE B 115 25.41 4.55 -2.42
C PHE B 115 26.42 4.92 -1.33
N LYS B 116 27.10 3.93 -0.76
CA LYS B 116 28.13 4.22 0.23
C LYS B 116 29.19 5.17 -0.33
N THR B 117 29.55 5.00 -1.59
CA THR B 117 30.51 5.90 -2.23
C THR B 117 30.03 7.34 -2.17
N LEU B 118 28.74 7.57 -2.37
CA LEU B 118 28.20 8.92 -2.36
C LEU B 118 28.11 9.47 -0.95
N CYS B 119 27.91 8.61 0.05
CA CYS B 119 27.93 9.06 1.44
C CYS B 119 29.33 9.47 1.86
N GLU B 120 30.35 8.71 1.43
CA GLU B 120 31.73 9.02 1.78
C GLU B 120 32.15 10.40 1.31
N VAL B 121 31.48 10.97 0.30
CA VAL B 121 31.90 12.23 -0.30
C VAL B 121 30.87 13.34 -0.12
N SER B 122 29.70 13.05 0.46
CA SER B 122 28.63 14.04 0.48
C SER B 122 28.89 15.10 1.54
N PRO B 123 28.59 16.36 1.25
CA PRO B 123 28.67 17.40 2.28
C PRO B 123 27.31 17.75 2.87
N HIS B 124 26.33 16.89 2.66
CA HIS B 124 24.98 17.13 3.16
C HIS B 124 24.32 15.78 3.42
N PRO B 125 23.24 15.77 4.21
CA PRO B 125 22.44 14.53 4.34
C PRO B 125 22.18 13.84 3.01
N VAL B 126 22.14 12.51 3.03
CA VAL B 126 21.94 11.70 1.84
C VAL B 126 20.57 11.05 1.95
N TYR B 127 19.71 11.35 1.00
CA TYR B 127 18.40 10.71 0.89
C TYR B 127 18.45 9.64 -0.18
N LEU B 128 17.73 8.54 0.05
CA LEU B 128 17.60 7.48 -0.94
C LEU B 128 16.38 7.76 -1.80
N TYR B 129 16.55 7.67 -3.12
CA TYR B 129 15.45 7.82 -4.06
C TYR B 129 15.16 6.44 -4.64
N ASN B 130 14.34 5.68 -3.92
CA ASN B 130 14.00 4.32 -4.30
C ASN B 130 12.80 4.33 -5.24
N TYR B 131 13.04 3.95 -6.50
CA TYR B 131 11.98 3.89 -7.51
C TYR B 131 12.20 2.60 -8.28
N PRO B 132 11.62 1.48 -7.82
CA PRO B 132 11.98 0.18 -8.43
C PRO B 132 11.64 0.11 -9.90
N THR B 133 10.50 0.67 -10.31
CA THR B 133 10.07 0.57 -11.70
C THR B 133 11.02 1.30 -12.63
N ALA B 134 11.31 2.57 -12.33
CA ALA B 134 12.15 3.38 -13.20
C ALA B 134 13.57 2.85 -13.27
N THR B 135 14.09 2.36 -12.15
CA THR B 135 15.51 1.99 -12.06
C THR B 135 15.77 0.52 -12.34
N GLY B 136 14.77 -0.35 -12.15
CA GLY B 136 14.96 -1.76 -12.37
C GLY B 136 15.38 -2.55 -11.15
N LYS B 137 15.54 -1.90 -9.99
CA LYS B 137 15.95 -2.58 -8.78
C LYS B 137 15.42 -1.81 -7.58
N ASP B 138 15.39 -2.47 -6.43
CA ASP B 138 14.71 -1.96 -5.25
C ASP B 138 15.64 -1.99 -4.05
N ILE B 139 15.96 -0.81 -3.53
CA ILE B 139 16.78 -0.71 -2.30
C ILE B 139 15.80 -0.73 -1.14
N ASP B 140 15.40 -1.94 -0.76
CA ASP B 140 14.38 -2.08 0.27
C ASP B 140 14.96 -1.76 1.64
N ALA B 141 14.08 -1.72 2.65
CA ALA B 141 14.48 -1.28 3.99
C ALA B 141 15.68 -2.05 4.52
N LYS B 142 15.87 -3.29 4.08
CA LYS B 142 17.01 -4.09 4.56
C LYS B 142 18.31 -3.59 3.95
N VAL B 143 18.33 -3.35 2.64
CA VAL B 143 19.53 -2.83 2.00
C VAL B 143 19.75 -1.37 2.36
N ALA B 144 18.67 -0.63 2.63
CA ALA B 144 18.82 0.74 3.13
C ALA B 144 19.56 0.76 4.47
N LYS B 145 19.24 -0.18 5.35
CA LYS B 145 19.94 -0.29 6.63
C LYS B 145 21.37 -0.79 6.44
N GLU B 146 21.56 -1.70 5.48
CA GLU B 146 22.91 -2.19 5.19
C GLU B 146 23.82 -1.04 4.73
N ILE B 147 23.34 -0.22 3.80
CA ILE B 147 24.11 0.95 3.37
C ILE B 147 24.37 1.87 4.56
N GLY B 148 23.32 2.21 5.29
CA GLY B 148 23.46 2.80 6.62
C GLY B 148 23.94 4.24 6.67
N CYS B 149 23.50 5.07 5.73
CA CYS B 149 23.81 6.50 5.80
C CYS B 149 22.68 7.36 5.26
N PHE B 150 21.47 6.82 5.16
CA PHE B 150 20.35 7.53 4.55
C PHE B 150 19.60 8.31 5.61
N THR B 151 19.63 9.64 5.51
CA THR B 151 18.80 10.47 6.37
C THR B 151 17.32 10.22 6.11
N GLY B 152 16.95 9.94 4.87
CA GLY B 152 15.56 9.71 4.54
C GLY B 152 15.43 8.91 3.26
N VAL B 153 14.20 8.87 2.74
CA VAL B 153 13.92 8.10 1.54
C VAL B 153 12.59 8.50 0.94
N LYS B 154 12.57 8.68 -0.38
CA LYS B 154 11.35 8.74 -1.15
C LYS B 154 11.11 7.36 -1.76
N ASP B 155 10.03 6.71 -1.35
CA ASP B 155 9.71 5.36 -1.80
C ASP B 155 8.58 5.45 -2.82
N VAL B 156 8.94 5.39 -4.10
CA VAL B 156 7.98 5.46 -5.20
C VAL B 156 7.49 4.03 -5.45
N ILE B 157 6.34 3.69 -4.87
CA ILE B 157 5.82 2.34 -4.94
C ILE B 157 4.35 2.38 -4.54
N GLU B 158 3.60 1.36 -4.96
CA GLU B 158 2.19 1.27 -4.62
C GLU B 158 1.97 0.44 -3.37
N ASN B 159 2.96 -0.36 -2.97
CA ASN B 159 2.90 -1.18 -1.76
C ASN B 159 3.31 -0.33 -0.57
N ILE B 160 2.36 -0.03 0.33
CA ILE B 160 2.67 0.78 1.49
C ILE B 160 3.31 -0.03 2.60
N ILE B 161 3.23 -1.36 2.55
CA ILE B 161 3.98 -2.20 3.47
C ILE B 161 5.48 -1.99 3.26
N HIS B 162 5.90 -2.03 2.00
CA HIS B 162 7.29 -1.75 1.64
C HIS B 162 7.77 -0.44 2.28
N THR B 163 6.97 0.62 2.14
CA THR B 163 7.38 1.93 2.63
C THR B 163 7.47 1.95 4.16
N LEU B 164 6.45 1.42 4.85
CA LEU B 164 6.47 1.38 6.30
C LEU B 164 7.66 0.60 6.84
N ASP B 165 8.14 -0.40 6.09
CA ASP B 165 9.25 -1.22 6.56
C ASP B 165 10.54 -0.42 6.69
N TYR B 166 10.68 0.72 6.00
CA TYR B 166 11.82 1.59 6.23
C TYR B 166 11.80 2.12 7.66
N LYS B 167 10.66 2.65 8.10
CA LYS B 167 10.51 3.17 9.45
C LYS B 167 10.61 2.08 10.50
N ARG B 168 10.46 0.81 10.10
CA ARG B 168 10.53 -0.30 11.06
C ARG B 168 11.97 -0.69 11.35
N LEU B 169 12.79 -0.84 10.30
CA LEU B 169 14.19 -1.20 10.46
C LEU B 169 15.08 0.01 10.65
N ASN B 170 14.68 1.17 10.12
CA ASN B 170 15.42 2.43 10.24
C ASN B 170 14.53 3.40 11.00
N PRO B 171 14.48 3.31 12.33
CA PRO B 171 13.56 4.17 13.08
C PRO B 171 13.90 5.64 12.98
N ASN B 172 15.19 5.99 13.03
CA ASN B 172 15.60 7.38 12.92
C ASN B 172 15.34 7.98 11.55
N MET B 173 15.06 7.14 10.55
CA MET B 173 15.05 7.61 9.17
C MET B 173 13.73 8.28 8.81
N LEU B 174 13.84 9.39 8.08
CA LEU B 174 12.68 10.01 7.48
C LEU B 174 12.16 9.14 6.34
N VAL B 175 10.85 8.98 6.27
CA VAL B 175 10.22 8.10 5.29
C VAL B 175 9.11 8.86 4.59
N TYR B 176 9.35 9.24 3.34
CA TYR B 176 8.35 9.87 2.51
C TYR B 176 7.86 8.87 1.46
N SER B 177 6.66 9.11 0.96
CA SER B 177 6.06 8.29 -0.08
C SER B 177 6.04 9.06 -1.39
N GLY B 178 6.39 8.37 -2.48
CA GLY B 178 6.36 8.98 -3.79
C GLY B 178 5.01 8.95 -4.47
N SER B 179 4.05 8.20 -3.92
CA SER B 179 2.75 8.08 -4.54
C SER B 179 1.86 9.25 -4.16
N ASP B 180 1.25 9.88 -5.15
CA ASP B 180 0.31 10.96 -4.89
C ASP B 180 -1.04 10.45 -4.39
N MET B 181 -1.36 9.18 -4.64
CA MET B 181 -2.65 8.64 -4.25
C MET B 181 -2.68 8.19 -2.80
N LEU B 182 -1.57 8.26 -2.08
CA LEU B 182 -1.50 7.86 -0.68
C LEU B 182 -1.21 9.04 0.25
N ILE B 183 -1.47 10.28 -0.20
CA ILE B 183 -1.18 11.44 0.63
C ILE B 183 -2.00 11.39 1.91
N ALA B 184 -3.31 11.15 1.79
CA ALA B 184 -4.15 11.08 2.97
C ALA B 184 -3.76 9.90 3.86
N THR B 185 -3.39 8.77 3.24
CA THR B 185 -3.08 7.57 4.01
C THR B 185 -1.71 7.65 4.68
N VAL B 186 -0.74 8.26 4.00
CA VAL B 186 0.59 8.40 4.59
C VAL B 186 0.56 9.35 5.78
N ALA B 187 -0.14 10.48 5.64
CA ALA B 187 -0.27 11.43 6.75
C ALA B 187 -0.85 10.77 7.99
N SER B 188 -1.85 9.91 7.81
CA SER B 188 -2.59 9.34 8.92
C SER B 188 -1.92 8.12 9.55
N THR B 189 -0.92 7.54 8.90
CA THR B 189 -0.32 6.30 9.39
C THR B 189 1.00 6.51 10.11
N GLY B 190 1.50 7.75 10.18
CA GLY B 190 2.69 8.05 10.94
C GLY B 190 3.99 8.07 10.16
N LEU B 191 3.94 8.22 8.85
CA LEU B 191 5.14 8.47 8.05
C LEU B 191 5.24 9.97 7.78
N ASP B 192 6.41 10.38 7.28
CA ASP B 192 6.79 11.78 7.25
C ASP B 192 6.31 12.52 6.00
N GLY B 193 5.29 12.02 5.33
CA GLY B 193 4.65 12.76 4.26
C GLY B 193 4.94 12.19 2.88
N ASN B 194 4.68 13.02 1.87
CA ASN B 194 4.70 12.60 0.49
C ASN B 194 5.55 13.54 -0.35
N VAL B 195 6.22 12.97 -1.35
CA VAL B 195 6.81 13.73 -2.45
C VAL B 195 5.80 13.63 -3.59
N ALA B 196 5.19 14.75 -3.96
CA ALA B 196 4.01 14.73 -4.81
C ALA B 196 4.26 15.50 -6.10
N LEU B 197 4.38 14.76 -7.21
CA LEU B 197 4.35 15.39 -8.53
C LEU B 197 3.12 16.28 -8.68
N GLY B 198 1.96 15.80 -8.23
CA GLY B 198 0.73 16.54 -8.37
C GLY B 198 0.73 17.89 -7.68
N SER B 199 1.64 18.10 -6.73
CA SER B 199 1.77 19.41 -6.09
C SER B 199 2.43 20.43 -6.98
N ASN B 200 2.96 20.01 -8.14
CA ASN B 200 3.44 20.98 -9.12
C ASN B 200 2.29 21.83 -9.65
N TYR B 201 1.12 21.21 -9.85
CA TYR B 201 -0.01 21.91 -10.44
C TYR B 201 -1.21 22.05 -9.50
N LEU B 202 -1.26 21.33 -8.39
CA LEU B 202 -2.28 21.56 -7.35
C LEU B 202 -1.63 21.48 -5.98
N PRO B 203 -0.68 22.37 -5.71
CA PRO B 203 -0.13 22.43 -4.33
C PRO B 203 -1.19 22.72 -3.29
N GLU B 204 -2.19 23.54 -3.64
CA GLU B 204 -3.31 23.79 -2.74
C GLU B 204 -3.91 22.47 -2.26
N VAL B 205 -4.19 21.56 -3.20
CA VAL B 205 -4.87 20.32 -2.86
C VAL B 205 -3.97 19.43 -2.02
N THR B 206 -2.72 19.23 -2.44
CA THR B 206 -1.82 18.34 -1.71
C THR B 206 -1.61 18.81 -0.28
N VAL B 207 -1.59 20.13 -0.05
CA VAL B 207 -1.40 20.63 1.31
C VAL B 207 -2.67 20.45 2.14
N THR B 208 -3.83 20.68 1.52
CA THR B 208 -5.09 20.58 2.26
C THR B 208 -5.39 19.14 2.66
N ILE B 209 -5.06 18.17 1.79
CA ILE B 209 -5.21 16.77 2.17
C ILE B 209 -4.32 16.46 3.36
N LYS B 210 -3.06 16.91 3.30
CA LYS B 210 -2.16 16.72 4.42
C LYS B 210 -2.74 17.30 5.70
N LYS B 211 -3.34 18.49 5.61
CA LYS B 211 -3.85 19.15 6.81
C LYS B 211 -5.07 18.41 7.37
N LEU B 212 -6.02 18.05 6.49
CA LEU B 212 -7.20 17.32 6.93
C LEU B 212 -6.81 16.01 7.61
N ALA B 213 -5.91 15.23 6.98
CA ALA B 213 -5.47 13.99 7.59
C ALA B 213 -4.72 14.24 8.89
N MET B 214 -3.95 15.33 8.95
CA MET B 214 -3.30 15.70 10.20
C MET B 214 -4.33 15.97 11.30
N GLU B 215 -5.44 16.63 10.96
CA GLU B 215 -6.55 16.91 11.87
C GLU B 215 -7.42 15.69 12.18
N ARG B 216 -6.96 14.47 11.84
CA ARG B 216 -7.74 13.25 12.01
C ARG B 216 -9.12 13.35 11.33
N LYS B 217 -9.24 14.24 10.35
CA LYS B 217 -10.46 14.33 9.52
C LYS B 217 -10.26 13.47 8.29
N ILE B 218 -10.38 12.15 8.47
CA ILE B 218 -10.00 11.24 7.40
C ILE B 218 -11.11 11.13 6.36
N ASP B 219 -12.37 11.05 6.79
CA ASP B 219 -13.47 11.02 5.84
C ASP B 219 -13.41 12.22 4.91
N GLU B 220 -13.04 13.39 5.44
CA GLU B 220 -12.90 14.58 4.61
C GLU B 220 -11.65 14.51 3.74
N ALA B 221 -10.53 14.05 4.30
CA ALA B 221 -9.29 13.98 3.54
C ALA B 221 -9.44 13.03 2.34
N LEU B 222 -10.23 11.96 2.49
CA LEU B 222 -10.44 11.04 1.38
C LEU B 222 -11.29 11.66 0.30
N LYS B 223 -12.31 12.45 0.68
CA LYS B 223 -13.06 13.22 -0.30
C LYS B 223 -12.12 13.93 -1.27
N LEU B 224 -11.12 14.63 -0.72
CA LEU B 224 -10.23 15.45 -1.53
C LEU B 224 -9.13 14.62 -2.19
N GLN B 225 -8.67 13.56 -1.52
CA GLN B 225 -7.71 12.66 -2.13
C GLN B 225 -8.27 12.07 -3.42
N PHE B 226 -9.48 11.48 -3.35
CA PHE B 226 -10.07 10.85 -4.53
C PHE B 226 -10.23 11.83 -5.68
N LEU B 227 -10.46 13.11 -5.38
CA LEU B 227 -10.51 14.12 -6.44
C LEU B 227 -9.14 14.28 -7.09
N HIS B 228 -8.10 14.49 -6.28
CA HIS B 228 -6.75 14.54 -6.80
C HIS B 228 -6.43 13.30 -7.62
N ASP B 229 -6.93 12.14 -7.18
CA ASP B 229 -6.73 10.91 -7.92
C ASP B 229 -7.28 11.02 -9.35
N GLU B 230 -8.44 11.65 -9.51
CA GLU B 230 -9.04 11.77 -10.83
C GLU B 230 -8.21 12.66 -11.75
N VAL B 231 -7.43 13.60 -11.19
CA VAL B 231 -6.56 14.42 -12.02
C VAL B 231 -5.30 13.66 -12.39
N ILE B 232 -4.70 12.96 -11.42
CA ILE B 232 -3.58 12.07 -11.72
C ILE B 232 -3.94 11.14 -12.88
N GLU B 233 -5.21 10.71 -12.93
CA GLU B 233 -5.64 9.78 -13.96
C GLU B 233 -5.85 10.48 -15.30
N ALA B 234 -6.36 11.71 -15.29
CA ALA B 234 -6.55 12.44 -16.54
C ALA B 234 -5.21 12.78 -17.19
N SER B 235 -4.24 13.25 -16.39
CA SER B 235 -2.90 13.50 -16.91
C SER B 235 -2.27 12.24 -17.48
N ARG B 236 -2.72 11.06 -17.04
CA ARG B 236 -2.18 9.80 -17.53
C ARG B 236 -2.59 9.52 -18.97
N ILE B 237 -3.66 10.15 -19.46
CA ILE B 237 -4.20 9.82 -20.78
C ILE B 237 -3.18 10.15 -21.87
N PHE B 238 -2.42 11.24 -21.70
CA PHE B 238 -1.57 11.74 -22.77
C PHE B 238 -0.10 11.73 -22.39
N GLY B 239 0.30 10.89 -21.43
CA GLY B 239 1.64 10.94 -20.90
C GLY B 239 1.73 11.96 -19.77
N SER B 240 1.77 11.46 -18.53
CA SER B 240 1.64 12.36 -17.38
C SER B 240 2.79 13.36 -17.31
N LEU B 241 4.02 12.90 -17.62
CA LEU B 241 5.16 13.81 -17.58
C LEU B 241 4.94 15.02 -18.47
N SER B 242 4.39 14.81 -19.67
CA SER B 242 4.11 15.92 -20.58
C SER B 242 2.86 16.68 -20.16
N SER B 243 1.88 15.99 -19.55
CA SER B 243 0.67 16.66 -19.09
C SER B 243 0.91 17.50 -17.85
N ASN B 244 1.95 17.19 -17.06
CA ASN B 244 2.24 17.99 -15.87
C ASN B 244 2.50 19.45 -16.22
N TYR B 245 3.02 19.73 -17.41
CA TYR B 245 3.20 21.11 -17.83
C TYR B 245 1.85 21.78 -18.07
N VAL B 246 0.97 21.13 -18.84
CA VAL B 246 -0.33 21.69 -19.15
C VAL B 246 -1.11 21.98 -17.88
N LEU B 247 -1.03 21.07 -16.90
CA LEU B 247 -1.87 21.18 -15.71
C LEU B 247 -1.34 22.22 -14.73
N THR B 248 -0.05 22.50 -14.75
CA THR B 248 0.47 23.61 -13.96
C THR B 248 0.03 24.95 -14.54
N LYS B 249 0.00 25.06 -15.87
CA LYS B 249 -0.44 26.29 -16.51
C LYS B 249 -1.94 26.50 -16.32
N TYR B 250 -2.72 25.41 -16.30
CA TYR B 250 -4.16 25.52 -16.17
C TYR B 250 -4.58 25.91 -14.75
N PHE B 251 -3.90 25.37 -13.75
CA PHE B 251 -4.28 25.58 -12.36
C PHE B 251 -3.52 26.70 -11.68
N GLN B 252 -2.30 27.03 -12.13
CA GLN B 252 -1.45 27.99 -11.45
C GLN B 252 -1.20 29.26 -12.24
N GLY B 253 -1.64 29.34 -13.50
CA GLY B 253 -1.54 30.57 -14.26
C GLY B 253 -0.35 30.62 -15.21
N TYR B 254 0.86 30.62 -14.65
CA TYR B 254 2.07 30.69 -15.45
C TYR B 254 2.28 29.39 -16.22
N ASP B 255 2.99 29.48 -17.33
CA ASP B 255 3.38 28.32 -18.10
C ASP B 255 4.84 27.97 -17.83
N LEU B 256 5.17 26.70 -18.05
CA LEU B 256 6.51 26.18 -17.79
C LEU B 256 7.24 25.78 -19.07
N GLY B 257 6.81 26.29 -20.21
CA GLY B 257 7.53 26.04 -21.44
C GLY B 257 7.25 24.65 -21.98
N TYR B 258 8.32 23.90 -22.22
CA TYR B 258 8.24 22.62 -22.90
C TYR B 258 8.96 21.54 -22.11
N PRO B 259 8.65 20.27 -22.37
CA PRO B 259 9.49 19.18 -21.87
C PRO B 259 10.64 18.87 -22.82
N ARG B 260 11.42 17.85 -22.52
CA ARG B 260 12.56 17.47 -23.35
C ARG B 260 12.24 16.20 -24.13
N PRO B 261 12.07 16.26 -25.45
CA PRO B 261 11.85 15.03 -26.23
C PRO B 261 12.91 13.99 -25.91
N PRO B 262 12.56 12.69 -25.94
CA PRO B 262 11.31 12.05 -26.38
C PRO B 262 10.10 12.24 -25.46
N ILE B 263 10.23 13.02 -24.39
CA ILE B 263 9.06 13.42 -23.62
C ILE B 263 8.43 14.58 -24.38
N PHE B 264 7.67 14.28 -25.41
CA PHE B 264 7.16 15.31 -26.30
C PHE B 264 6.06 16.11 -25.63
N PRO B 265 5.97 17.41 -25.91
CA PRO B 265 4.86 18.21 -25.40
C PRO B 265 3.53 17.69 -25.92
N LEU B 266 2.46 18.17 -25.28
CA LEU B 266 1.13 17.98 -25.84
C LEU B 266 0.88 19.00 -26.93
N ASP B 267 0.16 18.60 -27.96
CA ASP B 267 -0.26 19.55 -28.98
C ASP B 267 -1.48 20.32 -28.47
N ASP B 268 -1.88 21.35 -29.22
CA ASP B 268 -3.02 22.16 -28.82
C ASP B 268 -4.27 21.30 -28.63
N GLU B 269 -4.39 20.22 -29.39
CA GLU B 269 -5.59 19.38 -29.31
C GLU B 269 -5.59 18.54 -28.03
N GLU B 270 -4.47 17.86 -27.76
CA GLU B 270 -4.36 17.10 -26.51
C GLU B 270 -4.50 18.01 -25.30
N GLU B 271 -4.03 19.26 -25.40
CA GLU B 271 -4.17 20.21 -24.31
C GLU B 271 -5.64 20.55 -24.08
N ARG B 272 -6.37 20.82 -25.16
CA ARG B 272 -7.80 21.11 -25.03
C ARG B 272 -8.54 19.93 -24.42
N GLN B 273 -8.32 18.73 -24.96
CA GLN B 273 -9.08 17.57 -24.48
C GLN B 273 -8.73 17.20 -23.05
N LEU B 274 -7.52 17.56 -22.59
CA LEU B 274 -7.18 17.33 -21.19
C LEU B 274 -7.89 18.35 -20.29
N ILE B 275 -7.81 19.64 -20.64
CA ILE B 275 -8.56 20.67 -19.94
C ILE B 275 -10.03 20.31 -19.86
N LYS B 276 -10.54 19.59 -20.87
CA LYS B 276 -11.95 19.24 -20.92
C LYS B 276 -12.34 18.24 -19.84
N LYS B 277 -11.39 17.48 -19.30
CA LYS B 277 -11.68 16.45 -18.31
C LYS B 277 -11.29 16.87 -16.90
N VAL B 278 -10.73 18.07 -16.74
CA VAL B 278 -10.48 18.64 -15.41
C VAL B 278 -11.25 19.92 -15.16
N GLU B 279 -11.97 20.44 -16.15
CA GLU B 279 -12.88 21.55 -15.91
C GLU B 279 -13.80 21.25 -14.73
N GLY B 280 -14.50 20.12 -14.79
CA GLY B 280 -15.39 19.76 -13.70
C GLY B 280 -14.67 19.64 -12.37
N ILE B 281 -13.44 19.11 -12.39
CA ILE B 281 -12.68 18.96 -11.16
C ILE B 281 -12.25 20.33 -10.65
N ARG B 282 -11.78 21.20 -11.54
CA ARG B 282 -11.42 22.56 -11.14
C ARG B 282 -12.61 23.29 -10.51
N ALA B 283 -13.82 23.01 -11.00
CA ALA B 283 -15.00 23.69 -10.49
C ALA B 283 -15.30 23.29 -9.05
N LYS B 284 -15.34 21.97 -8.78
CA LYS B 284 -15.63 21.52 -7.44
C LYS B 284 -14.54 21.93 -6.45
N LEU B 285 -13.29 22.02 -6.92
CA LEU B 285 -12.23 22.59 -6.07
C LEU B 285 -12.49 24.05 -5.76
N VAL B 286 -13.13 24.77 -6.68
CA VAL B 286 -13.51 26.16 -6.41
C VAL B 286 -14.69 26.21 -5.46
N GLU B 287 -15.70 25.36 -5.68
CA GLU B 287 -16.87 25.35 -4.81
C GLU B 287 -16.52 24.95 -3.39
N LEU B 288 -15.55 24.06 -3.22
CA LEU B 288 -15.00 23.77 -1.91
C LEU B 288 -14.05 24.86 -1.44
N LYS B 289 -13.84 25.91 -2.24
CA LYS B 289 -13.04 27.07 -1.89
C LYS B 289 -11.59 26.70 -1.56
N ILE B 290 -11.14 25.54 -2.04
CA ILE B 290 -9.73 25.20 -2.01
C ILE B 290 -8.94 25.95 -3.08
N LEU B 291 -9.62 26.41 -4.12
CA LEU B 291 -8.99 27.11 -5.23
C LEU B 291 -9.66 28.46 -5.44
N LYS B 292 -8.86 29.47 -5.79
CA LYS B 292 -9.38 30.80 -6.08
C LYS B 292 -9.77 30.85 -7.55
N GLU B 293 -11.00 31.29 -7.82
CA GLU B 293 -11.55 31.35 -9.16
C GLU B 293 -10.60 32.04 -10.15
C1 FW2 C . -7.65 -15.73 3.95
C2 FW2 C . -7.62 -14.20 4.04
C3 FW2 C . -6.62 -13.53 4.97
C4 FW2 C . -5.46 -12.96 4.16
C5 FW2 C . -4.68 -14.11 3.55
C6 FW2 C . -3.27 -13.68 3.15
O1 FW2 C . -6.70 -16.40 4.44
O2 FW2 C . -8.61 -16.33 3.41
O4 FW2 C . -4.66 -12.18 4.99
O5 FW2 C . -5.37 -14.59 2.43
O6 FW2 C . -2.62 -14.74 2.48
H7 FW2 C . -6.28 -14.17 5.61
H8 FW2 C . -7.05 -12.82 5.47
H1 FW2 C . -5.79 -12.38 3.44
H FW2 C . -4.59 -14.82 4.21
H4 FW2 C . -3.32 -12.91 2.57
H3 FW2 C . -2.76 -13.45 3.93
H6 FW2 C . -4.07 -11.78 4.53
H5 FW2 C . -5.10 -15.37 2.24
H2 FW2 C . -3.08 -14.96 1.80
C1 FW2 D . 9.76 12.12 -8.59
C2 FW2 D . 8.95 11.68 -7.38
C3 FW2 D . 7.45 11.45 -7.52
C4 FW2 D . 7.12 10.15 -8.24
C5 FW2 D . 7.35 10.26 -9.73
C6 FW2 D . 6.11 10.48 -10.57
O1 FW2 D . 9.34 13.10 -9.26
O2 FW2 D . 10.79 11.51 -8.97
O4 FW2 D . 5.76 9.84 -8.03
O5 FW2 D . 7.86 9.01 -10.07
O6 FW2 D . 6.41 10.22 -11.91
H7 FW2 D . 7.07 12.19 -8.01
H8 FW2 D . 7.05 11.42 -6.63
H1 FW2 D . 7.69 9.46 -7.87
H FW2 D . 7.93 11.03 -9.90
H4 FW2 D . 5.39 9.89 -10.27
H3 FW2 D . 5.80 11.39 -10.48
H6 FW2 D . 5.60 9.07 -8.35
H5 FW2 D . 7.76 8.90 -10.91
H2 FW2 D . 5.79 10.53 -12.41
#